data_3D7A
#
_entry.id   3D7A
#
_cell.length_a   46.934
_cell.length_b   49.526
_cell.length_c   132.695
_cell.angle_alpha   90.00
_cell.angle_beta   90.00
_cell.angle_gamma   90.00
#
_symmetry.space_group_name_H-M   'P 21 21 21'
#
loop_
_entity.id
_entity.type
_entity.pdbx_description
1 polymer 'UPF0201 protein PH1010'
2 water water
#
_entity_poly.entity_id   1
_entity_poly.type   'polypeptide(L)'
_entity_poly.pdbx_seq_one_letter_code
;MMTMFEEVEVEAYVYPTEDIRKVKKAMLNLIPGLQFEAFDKGEYVILVGRTKDKRALQRLYELFRGQQILDTARMMLEEG
YFGEEIIIKVHKQVAYVGKVNFNEDSPLGPITITIRTKEPQKLMKWLAPRTKDGVPIE
;
_entity_poly.pdbx_strand_id   A,B
#
# COMPACT_ATOMS: atom_id res chain seq x y z
N MET A 2 20.75 -29.45 14.72
CA MET A 2 19.32 -29.33 15.14
C MET A 2 18.80 -27.88 15.03
N THR A 3 17.49 -27.73 15.02
CA THR A 3 16.87 -26.43 14.78
C THR A 3 17.29 -25.32 15.78
N MET A 4 17.30 -24.05 15.32
CA MET A 4 17.64 -22.86 16.16
C MET A 4 16.42 -22.00 16.45
N PHE A 5 15.28 -22.47 15.97
CA PHE A 5 14.02 -21.77 16.14
C PHE A 5 12.93 -22.81 16.12
N GLU A 6 11.75 -22.42 16.58
CA GLU A 6 10.64 -23.33 16.62
C GLU A 6 9.83 -23.16 15.34
N GLU A 7 9.55 -21.90 15.00
CA GLU A 7 8.67 -21.60 13.87
C GLU A 7 8.99 -20.22 13.32
N VAL A 8 8.71 -20.05 12.04
CA VAL A 8 8.70 -18.70 11.41
C VAL A 8 7.30 -18.40 10.89
N GLU A 9 6.83 -17.21 11.21
CA GLU A 9 5.52 -16.73 10.82
C GLU A 9 5.72 -15.38 10.12
N VAL A 10 5.17 -15.27 8.93
CA VAL A 10 5.29 -14.09 8.10
C VAL A 10 3.88 -13.56 7.86
N GLU A 11 3.71 -12.26 8.03
CA GLU A 11 2.38 -11.68 7.95
C GLU A 11 2.38 -10.44 7.01
N ALA A 12 1.35 -10.36 6.17
CA ALA A 12 1.18 -9.18 5.34
C ALA A 12 -0.29 -8.98 5.03
N TYR A 13 -0.64 -7.72 4.79
CA TYR A 13 -1.99 -7.36 4.40
C TYR A 13 -2.04 -7.35 2.89
N VAL A 14 -3.15 -7.82 2.36
CA VAL A 14 -3.39 -7.85 0.92
C VAL A 14 -4.59 -6.94 0.64
N TYR A 15 -4.32 -5.79 0.02
CA TYR A 15 -5.39 -4.83 -0.23
C TYR A 15 -6.18 -5.18 -1.48
N PRO A 16 -7.39 -4.62 -1.61
CA PRO A 16 -8.25 -4.88 -2.73
C PRO A 16 -7.57 -4.69 -4.09
N THR A 17 -6.76 -3.64 -4.27
CA THR A 17 -6.06 -3.49 -5.56
C THR A 17 -4.83 -4.39 -5.69
N GLU A 18 -4.51 -5.11 -4.62
CA GLU A 18 -3.42 -6.07 -4.71
C GLU A 18 -3.85 -7.44 -5.22
N ASP A 19 -2.86 -8.16 -5.72
CA ASP A 19 -2.92 -9.56 -6.13
C ASP A 19 -2.47 -10.46 -4.98
N ILE A 20 -3.32 -11.36 -4.46
CA ILE A 20 -2.90 -12.16 -3.29
C ILE A 20 -1.67 -13.01 -3.65
N ARG A 21 -1.64 -13.50 -4.89
CA ARG A 21 -0.52 -14.27 -5.40
C ARG A 21 0.80 -13.52 -5.41
N LYS A 22 0.77 -12.23 -5.75
CA LYS A 22 2.00 -11.44 -5.78
C LYS A 22 2.51 -11.23 -4.33
N VAL A 23 1.60 -10.99 -3.40
CA VAL A 23 2.04 -10.83 -2.02
C VAL A 23 2.60 -12.14 -1.44
N LYS A 24 1.97 -13.27 -1.75
CA LYS A 24 2.55 -14.58 -1.44
C LYS A 24 3.97 -14.71 -2.01
N LYS A 25 4.18 -14.24 -3.24
CA LYS A 25 5.51 -14.35 -3.83
C LYS A 25 6.55 -13.52 -3.06
N ALA A 26 6.21 -12.27 -2.76
CA ALA A 26 7.06 -11.39 -1.95
C ALA A 26 7.46 -12.09 -0.63
N MET A 27 6.49 -12.69 0.05
CA MET A 27 6.78 -13.42 1.31
C MET A 27 7.72 -14.62 1.13
N LEU A 28 7.46 -15.43 0.10
CA LEU A 28 8.29 -16.60 -0.18
C LEU A 28 9.69 -16.22 -0.62
N ASN A 29 9.84 -15.05 -1.26
CA ASN A 29 11.18 -14.58 -1.57
C ASN A 29 12.09 -14.46 -0.33
N LEU A 30 11.49 -14.19 0.82
CA LEU A 30 12.19 -13.98 2.05
C LEU A 30 12.25 -15.25 2.88
N ILE A 31 11.11 -15.92 3.03
CA ILE A 31 11.06 -17.21 3.74
C ILE A 31 10.41 -18.27 2.86
N PRO A 32 11.21 -19.18 2.30
CA PRO A 32 10.65 -20.18 1.40
C PRO A 32 9.84 -21.24 2.16
N GLY A 33 8.87 -21.85 1.47
CA GLY A 33 8.19 -23.03 1.99
C GLY A 33 7.07 -22.72 2.96
N LEU A 34 6.62 -21.46 2.97
CA LEU A 34 5.54 -21.06 3.88
C LEU A 34 4.23 -21.79 3.55
N GLN A 35 3.51 -22.19 4.59
CA GLN A 35 2.11 -22.64 4.43
C GLN A 35 1.19 -21.47 4.76
N PHE A 36 0.31 -21.11 3.83
CA PHE A 36 -0.51 -19.91 3.97
C PHE A 36 -1.92 -20.19 4.51
N GLU A 37 -2.36 -19.33 5.43
CA GLU A 37 -3.79 -19.14 5.73
C GLU A 37 -4.10 -17.68 5.45
N ALA A 38 -5.33 -17.41 5.07
CA ALA A 38 -5.76 -16.06 4.76
C ALA A 38 -7.06 -15.74 5.49
N PHE A 39 -7.15 -14.53 6.02
CA PHE A 39 -8.24 -14.13 6.90
C PHE A 39 -8.89 -12.87 6.37
N ASP A 40 -10.19 -12.92 6.19
CA ASP A 40 -10.92 -11.77 5.70
C ASP A 40 -11.17 -10.75 6.80
N LYS A 41 -10.79 -9.49 6.53
CA LYS A 41 -11.07 -8.36 7.40
C LYS A 41 -11.86 -7.25 6.69
N GLY A 42 -12.38 -7.55 5.50
CA GLY A 42 -13.15 -6.56 4.75
C GLY A 42 -12.33 -5.55 3.98
N GLU A 43 -11.73 -4.60 4.69
CA GLU A 43 -10.91 -3.59 4.02
C GLU A 43 -9.52 -4.09 3.55
N TYR A 44 -9.22 -5.34 3.89
CA TYR A 44 -8.00 -6.04 3.44
C TYR A 44 -8.13 -7.49 3.85
N VAL A 45 -7.19 -8.32 3.38
CA VAL A 45 -7.11 -9.69 3.81
C VAL A 45 -5.75 -9.86 4.50
N ILE A 46 -5.72 -10.59 5.61
CA ILE A 46 -4.45 -10.86 6.27
C ILE A 46 -3.91 -12.18 5.74
N LEU A 47 -2.69 -12.13 5.22
CA LEU A 47 -2.07 -13.32 4.71
C LEU A 47 -1.07 -13.74 5.77
N VAL A 48 -1.20 -14.96 6.26
CA VAL A 48 -0.24 -15.49 7.23
C VAL A 48 0.49 -16.72 6.66
N GLY A 49 1.81 -16.65 6.61
CA GLY A 49 2.66 -17.75 6.21
C GLY A 49 3.39 -18.36 7.41
N ARG A 50 3.44 -19.68 7.45
CA ARG A 50 4.09 -20.39 8.55
C ARG A 50 5.00 -21.53 8.13
N THR A 51 6.11 -21.71 8.82
CA THR A 51 6.96 -22.85 8.55
C THR A 51 7.72 -23.22 9.80
N LYS A 52 7.84 -24.53 10.06
CA LYS A 52 8.68 -25.06 11.13
C LYS A 52 9.95 -25.74 10.57
N ASP A 53 10.19 -25.57 9.27
CA ASP A 53 11.36 -26.14 8.60
C ASP A 53 12.64 -25.46 9.10
N LYS A 54 13.54 -26.26 9.67
CA LYS A 54 14.84 -25.77 10.18
C LYS A 54 15.67 -25.01 9.13
N ARG A 55 15.37 -25.17 7.85
CA ARG A 55 16.10 -24.43 6.80
C ARG A 55 15.40 -23.14 6.36
N ALA A 56 14.37 -22.75 7.10
CA ALA A 56 13.53 -21.62 6.71
C ALA A 56 14.24 -20.27 6.71
N LEU A 57 15.31 -20.14 7.51
CA LEU A 57 16.00 -18.84 7.59
C LEU A 57 17.19 -18.75 6.61
N GLN A 58 17.34 -19.77 5.78
CA GLN A 58 18.53 -19.84 4.90
C GLN A 58 18.54 -18.70 3.90
N ARG A 59 17.36 -18.35 3.38
CA ARG A 59 17.28 -17.25 2.43
C ARG A 59 17.66 -15.93 3.07
N LEU A 60 17.16 -15.64 4.29
CA LEU A 60 17.60 -14.45 4.99
C LEU A 60 19.10 -14.42 5.29
N TYR A 61 19.61 -15.54 5.78
CA TYR A 61 21.04 -15.70 6.02
C TYR A 61 21.85 -15.26 4.80
N GLU A 62 21.41 -15.70 3.63
CA GLU A 62 22.12 -15.43 2.40
C GLU A 62 21.94 -13.99 1.94
N LEU A 63 20.70 -13.46 2.06
CA LEU A 63 20.42 -12.07 1.65
C LEU A 63 21.12 -11.05 2.50
N PHE A 64 21.18 -11.27 3.81
CA PHE A 64 21.88 -10.36 4.68
C PHE A 64 23.36 -10.25 4.30
N ARG A 65 23.97 -11.38 3.94
CA ARG A 65 25.40 -11.41 3.61
C ARG A 65 25.65 -10.83 2.22
N GLY A 66 24.92 -11.33 1.24
CA GLY A 66 25.07 -10.86 -0.15
C GLY A 66 24.71 -9.41 -0.36
N GLN A 67 23.71 -8.92 0.37
CA GLN A 67 23.43 -7.48 0.32
C GLN A 67 24.39 -6.65 1.15
N GLN A 68 25.21 -7.31 1.97
CA GLN A 68 26.15 -6.64 2.85
C GLN A 68 25.43 -5.73 3.84
N ILE A 69 24.38 -6.27 4.48
CA ILE A 69 23.62 -5.46 5.44
C ILE A 69 23.58 -6.10 6.82
N LEU A 70 24.65 -6.82 7.18
CA LEU A 70 24.71 -7.56 8.43
C LEU A 70 24.56 -6.64 9.62
N ASP A 71 25.12 -5.44 9.50
CA ASP A 71 25.07 -4.53 10.62
C ASP A 71 23.63 -4.06 10.85
N THR A 72 22.96 -3.62 9.79
CA THR A 72 21.56 -3.18 9.87
C THR A 72 20.66 -4.33 10.27
N ALA A 73 20.87 -5.50 9.68
CA ALA A 73 20.08 -6.68 10.02
C ALA A 73 20.17 -6.96 11.53
N ARG A 74 21.38 -6.94 12.06
CA ARG A 74 21.56 -7.22 13.47
C ARG A 74 20.86 -6.19 14.41
N MET A 75 20.95 -4.92 14.04
CA MET A 75 20.29 -3.85 14.78
C MET A 75 18.79 -4.06 14.77
N MET A 76 18.25 -4.50 13.63
CA MET A 76 16.80 -4.74 13.53
C MET A 76 16.35 -5.95 14.29
N LEU A 77 17.13 -7.04 14.24
CA LEU A 77 16.85 -8.24 15.05
C LEU A 77 16.81 -7.89 16.54
N GLU A 78 17.81 -7.15 16.99
CA GLU A 78 17.91 -6.75 18.40
C GLU A 78 16.71 -5.88 18.80
N GLU A 79 16.35 -4.90 17.97
CA GLU A 79 15.16 -4.08 18.22
C GLU A 79 13.89 -4.93 18.28
N GLY A 80 13.83 -5.99 17.49
CA GLY A 80 12.65 -6.83 17.48
C GLY A 80 12.64 -7.97 18.49
N TYR A 81 13.65 -8.03 19.34
CA TYR A 81 13.81 -9.19 20.22
C TYR A 81 13.03 -9.02 21.54
N PHE A 82 12.02 -9.86 21.77
CA PHE A 82 11.22 -9.79 23.00
C PHE A 82 10.88 -11.19 23.45
N GLY A 83 11.43 -11.59 24.59
CA GLY A 83 11.06 -12.87 25.18
C GLY A 83 11.52 -14.04 24.34
N GLU A 84 10.59 -14.67 23.64
CA GLU A 84 10.92 -15.86 22.87
C GLU A 84 10.65 -15.62 21.36
N GLU A 85 10.46 -14.35 20.99
CA GLU A 85 10.19 -13.98 19.60
C GLU A 85 11.12 -12.86 19.13
N ILE A 86 11.47 -12.91 17.85
CA ILE A 86 12.24 -11.86 17.25
C ILE A 86 11.44 -11.43 16.03
N ILE A 87 11.07 -10.16 15.97
CA ILE A 87 10.22 -9.68 14.90
C ILE A 87 10.89 -8.61 14.07
N ILE A 88 10.90 -8.78 12.74
CA ILE A 88 11.35 -7.70 11.87
C ILE A 88 10.27 -7.35 10.87
N LYS A 89 10.36 -6.13 10.34
CA LYS A 89 9.43 -5.62 9.37
C LYS A 89 10.23 -5.20 8.13
N VAL A 90 9.83 -5.71 6.99
CA VAL A 90 10.56 -5.37 5.77
C VAL A 90 9.64 -4.80 4.70
N HIS A 91 10.25 -4.11 3.73
CA HIS A 91 9.53 -3.46 2.66
C HIS A 91 8.90 -4.48 1.73
N LYS A 92 7.59 -4.34 1.52
CA LYS A 92 6.84 -5.31 0.75
C LYS A 92 7.28 -5.29 -0.72
N GLN A 93 7.45 -4.11 -1.29
CA GLN A 93 7.71 -4.02 -2.74
C GLN A 93 9.14 -4.47 -3.04
N VAL A 94 10.07 -4.16 -2.14
CA VAL A 94 11.45 -4.64 -2.31
C VAL A 94 11.53 -6.15 -2.15
N ALA A 95 10.77 -6.70 -1.22
CA ALA A 95 10.66 -8.17 -1.09
C ALA A 95 10.13 -8.80 -2.38
N TYR A 96 9.19 -8.14 -3.06
CA TYR A 96 8.64 -8.69 -4.31
C TYR A 96 9.74 -8.83 -5.37
N VAL A 97 10.73 -7.96 -5.37
CA VAL A 97 11.87 -8.17 -6.29
C VAL A 97 13.00 -8.99 -5.69
N GLY A 98 12.75 -9.56 -4.51
CA GLY A 98 13.64 -10.56 -3.89
C GLY A 98 14.73 -10.04 -2.97
N LYS A 99 14.67 -8.80 -2.53
CA LYS A 99 15.68 -8.31 -1.60
C LYS A 99 15.07 -7.91 -0.26
N VAL A 100 15.95 -7.71 0.72
CA VAL A 100 15.57 -7.18 2.04
C VAL A 100 15.80 -5.68 2.17
N ASN A 101 14.74 -4.97 2.56
CA ASN A 101 14.88 -3.57 2.87
C ASN A 101 14.12 -3.31 4.17
N PHE A 102 14.82 -2.77 5.18
CA PHE A 102 14.17 -2.52 6.48
C PHE A 102 13.52 -1.14 6.56
N ASN A 103 13.49 -0.38 5.48
CA ASN A 103 12.84 0.95 5.53
C ASN A 103 11.34 0.83 5.82
N GLU A 104 10.95 1.35 6.99
CA GLU A 104 9.54 1.31 7.38
C GLU A 104 8.72 2.49 6.89
N ASP A 105 8.26 2.32 5.65
CA ASP A 105 7.44 3.24 4.89
C ASP A 105 7.17 2.48 3.59
N SER A 106 6.52 1.34 3.76
CA SER A 106 6.26 0.41 2.67
C SER A 106 4.87 0.66 1.99
N PRO A 107 4.88 0.98 0.68
CA PRO A 107 3.62 1.06 -0.08
C PRO A 107 2.79 -0.20 0.20
N LEU A 108 1.52 0.07 0.49
CA LEU A 108 0.99 -0.22 1.81
C LEU A 108 1.32 -1.50 2.48
N GLY A 109 1.84 -1.32 3.68
CA GLY A 109 2.01 -2.41 4.59
C GLY A 109 3.40 -2.98 4.41
N PRO A 110 4.09 -3.18 5.53
CA PRO A 110 5.31 -3.94 5.54
C PRO A 110 4.96 -5.41 5.54
N ILE A 111 5.96 -6.25 5.30
CA ILE A 111 5.84 -7.65 5.62
C ILE A 111 6.50 -7.85 6.97
N THR A 112 5.81 -8.54 7.88
CA THR A 112 6.36 -8.77 9.20
C THR A 112 6.80 -10.20 9.31
N ILE A 113 8.05 -10.41 9.76
CA ILE A 113 8.59 -11.72 9.98
C ILE A 113 8.83 -11.95 11.47
N THR A 114 8.20 -13.00 11.99
CA THR A 114 8.34 -13.32 13.42
C THR A 114 9.03 -14.66 13.60
N ILE A 115 10.14 -14.67 14.34
CA ILE A 115 10.87 -15.90 14.54
C ILE A 115 10.62 -16.27 16.00
N ARG A 116 10.04 -17.44 16.24
CA ARG A 116 9.85 -17.93 17.59
C ARG A 116 11.04 -18.83 17.94
N THR A 117 11.81 -18.42 18.93
CA THR A 117 13.02 -19.17 19.28
C THR A 117 13.32 -19.17 20.77
N LYS A 118 13.80 -20.33 21.23
CA LYS A 118 14.26 -20.50 22.60
C LYS A 118 15.72 -20.12 22.79
N GLU A 119 16.44 -19.89 21.69
CA GLU A 119 17.82 -19.40 21.81
C GLU A 119 18.08 -18.21 20.88
N PRO A 120 17.60 -17.04 21.30
CA PRO A 120 17.62 -15.88 20.43
C PRO A 120 19.00 -15.24 20.31
N GLN A 121 19.83 -15.36 21.34
CA GLN A 121 21.19 -14.83 21.23
C GLN A 121 22.00 -15.63 20.21
N LYS A 122 21.90 -16.95 20.28
CA LYS A 122 22.55 -17.80 19.30
C LYS A 122 21.99 -17.58 17.89
N LEU A 123 20.67 -17.40 17.79
CA LEU A 123 20.05 -17.17 16.48
C LEU A 123 20.58 -15.88 15.85
N MET A 124 20.57 -14.80 16.61
CA MET A 124 20.99 -13.49 16.11
C MET A 124 22.47 -13.48 15.73
N LYS A 125 23.29 -14.14 16.55
CA LYS A 125 24.74 -14.23 16.29
C LYS A 125 25.06 -15.10 15.07
N TRP A 126 24.22 -16.08 14.81
CA TRP A 126 24.38 -16.91 13.63
C TRP A 126 23.83 -16.21 12.41
N LEU A 127 22.65 -15.60 12.55
CA LEU A 127 21.98 -15.01 11.40
C LEU A 127 22.63 -13.69 10.96
N ALA A 128 23.01 -12.87 11.94
CA ALA A 128 23.54 -11.54 11.64
C ALA A 128 24.74 -11.20 12.51
N PRO A 129 25.87 -11.91 12.29
CA PRO A 129 27.02 -11.74 13.17
C PRO A 129 27.61 -10.35 13.10
N ARG A 130 28.21 -9.90 14.19
CA ARG A 130 28.88 -8.60 14.18
C ARG A 130 30.26 -8.80 13.59
N THR A 131 30.58 -7.98 12.59
CA THR A 131 31.81 -8.15 11.82
C THR A 131 32.49 -6.82 11.56
N LYS A 132 33.80 -6.90 11.31
CA LYS A 132 34.56 -5.76 10.81
C LYS A 132 35.32 -6.27 9.58
N ASP A 133 34.99 -5.76 8.40
CA ASP A 133 35.61 -6.25 7.14
C ASP A 133 35.49 -7.80 7.04
N GLY A 134 34.32 -8.34 7.42
CA GLY A 134 34.08 -9.79 7.35
C GLY A 134 34.66 -10.57 8.53
N VAL A 135 35.44 -9.89 9.38
CA VAL A 135 36.10 -10.52 10.51
C VAL A 135 35.24 -10.38 11.76
N PRO A 136 34.97 -11.53 12.42
CA PRO A 136 34.11 -11.54 13.61
C PRO A 136 34.57 -10.55 14.67
N ILE A 137 33.67 -9.71 15.18
CA ILE A 137 33.99 -8.87 16.33
C ILE A 137 33.18 -9.19 17.57
N GLU A 138 32.70 -10.40 17.64
CA GLU A 138 32.01 -10.89 18.86
C GLU A 138 32.21 -12.40 18.95
N PHE B 5 -17.09 22.46 -16.48
CA PHE B 5 -15.67 21.98 -16.55
C PHE B 5 -15.24 21.67 -17.98
N GLU B 6 -13.94 21.83 -18.23
CA GLU B 6 -13.37 21.44 -19.50
C GLU B 6 -12.83 19.99 -19.54
N GLU B 7 -12.27 19.52 -18.42
CA GLU B 7 -11.68 18.17 -18.37
C GLU B 7 -11.73 17.56 -16.97
N VAL B 8 -11.64 16.23 -16.87
CA VAL B 8 -11.31 15.56 -15.61
C VAL B 8 -10.13 14.62 -15.84
N GLU B 9 -9.03 14.86 -15.12
CA GLU B 9 -7.86 13.97 -15.09
C GLU B 9 -7.72 13.22 -13.77
N VAL B 10 -7.40 11.92 -13.86
CA VAL B 10 -7.31 11.01 -12.72
C VAL B 10 -5.94 10.27 -12.70
N GLU B 11 -5.24 10.32 -11.56
CA GLU B 11 -3.92 9.68 -11.47
C GLU B 11 -3.84 8.71 -10.28
N ALA B 12 -3.13 7.59 -10.48
CA ALA B 12 -2.84 6.67 -9.39
C ALA B 12 -1.51 5.93 -9.66
N TYR B 13 -0.84 5.49 -8.62
CA TYR B 13 0.34 4.66 -8.80
C TYR B 13 -0.08 3.21 -8.78
N VAL B 14 0.61 2.40 -9.59
CA VAL B 14 0.46 0.97 -9.52
C VAL B 14 1.76 0.38 -9.03
N TYR B 15 1.72 -0.19 -7.82
CA TYR B 15 2.92 -0.83 -7.25
C TYR B 15 3.05 -2.24 -7.75
N PRO B 16 4.26 -2.82 -7.63
CA PRO B 16 4.47 -4.17 -8.14
C PRO B 16 3.53 -5.24 -7.57
N THR B 17 3.03 -5.11 -6.34
CA THR B 17 2.12 -6.14 -5.83
C THR B 17 0.65 -5.89 -6.23
N GLU B 18 0.42 -4.78 -6.93
CA GLU B 18 -0.91 -4.45 -7.44
C GLU B 18 -1.19 -4.97 -8.86
N ASP B 19 -2.47 -5.06 -9.21
CA ASP B 19 -2.90 -5.37 -10.57
C ASP B 19 -3.36 -4.05 -11.19
N ILE B 20 -2.68 -3.63 -12.26
CA ILE B 20 -3.07 -2.43 -13.00
C ILE B 20 -4.57 -2.43 -13.36
N ARG B 21 -5.14 -3.58 -13.64
CA ARG B 21 -6.55 -3.66 -14.04
C ARG B 21 -7.47 -3.34 -12.84
N LYS B 22 -7.03 -3.70 -11.64
CA LYS B 22 -7.79 -3.32 -10.43
C LYS B 22 -7.73 -1.84 -10.12
N VAL B 23 -6.57 -1.21 -10.33
CA VAL B 23 -6.44 0.21 -10.15
C VAL B 23 -7.27 0.95 -11.21
N LYS B 24 -7.22 0.45 -12.44
CA LYS B 24 -8.10 1.03 -13.46
C LYS B 24 -9.57 0.94 -13.07
N LYS B 25 -9.97 -0.18 -12.51
CA LYS B 25 -11.34 -0.35 -12.05
C LYS B 25 -11.75 0.71 -11.02
N ALA B 26 -10.86 0.96 -10.06
CA ALA B 26 -11.11 1.99 -9.04
C ALA B 26 -11.26 3.41 -9.59
N MET B 27 -10.35 3.78 -10.49
CA MET B 27 -10.43 5.07 -11.15
C MET B 27 -11.76 5.23 -11.89
N LEU B 28 -12.16 4.21 -12.63
CA LEU B 28 -13.38 4.28 -13.48
C LEU B 28 -14.66 4.27 -12.65
N ASN B 29 -14.57 3.64 -11.50
CA ASN B 29 -15.67 3.68 -10.55
C ASN B 29 -16.02 5.11 -10.16
N LEU B 30 -15.01 5.98 -10.18
CA LEU B 30 -15.19 7.35 -9.76
C LEU B 30 -15.42 8.30 -10.93
N ILE B 31 -14.69 8.10 -12.03
CA ILE B 31 -14.85 8.94 -13.22
C ILE B 31 -14.89 8.00 -14.44
N PRO B 32 -16.08 7.78 -15.00
CA PRO B 32 -16.20 6.87 -16.13
C PRO B 32 -15.56 7.44 -17.39
N GLY B 33 -15.19 6.54 -18.30
CA GLY B 33 -14.87 6.92 -19.66
C GLY B 33 -13.49 7.49 -19.82
N LEU B 34 -12.61 7.18 -18.87
CA LEU B 34 -11.24 7.68 -18.89
C LEU B 34 -10.40 7.00 -19.99
N GLN B 35 -9.56 7.75 -20.66
CA GLN B 35 -8.50 7.14 -21.49
C GLN B 35 -7.18 7.20 -20.77
N PHE B 36 -6.49 6.06 -20.73
CA PHE B 36 -5.28 5.91 -19.95
C PHE B 36 -3.98 5.97 -20.75
N GLU B 37 -2.96 6.50 -20.11
CA GLU B 37 -1.57 6.28 -20.46
C GLU B 37 -0.88 5.76 -19.21
N ALA B 38 0.12 4.90 -19.39
CA ALA B 38 0.88 4.38 -18.28
C ALA B 38 2.37 4.74 -18.41
N PHE B 39 2.97 5.13 -17.30
CA PHE B 39 4.37 5.52 -17.30
C PHE B 39 5.15 4.65 -16.29
N ASP B 40 6.08 3.83 -16.78
CA ASP B 40 6.92 3.02 -15.88
C ASP B 40 7.98 3.90 -15.22
N LYS B 41 8.04 3.85 -13.89
CA LYS B 41 9.02 4.60 -13.11
C LYS B 41 9.89 3.61 -12.31
N GLY B 42 9.70 2.34 -12.61
CA GLY B 42 10.47 1.30 -11.94
C GLY B 42 9.87 0.83 -10.64
N GLU B 43 9.95 1.65 -9.61
CA GLU B 43 9.42 1.25 -8.31
C GLU B 43 7.89 1.17 -8.39
N TYR B 44 7.31 1.87 -9.35
CA TYR B 44 5.87 1.82 -9.61
C TYR B 44 5.59 2.31 -11.02
N VAL B 45 4.38 2.04 -11.50
CA VAL B 45 3.90 2.62 -12.75
C VAL B 45 2.94 3.77 -12.39
N ILE B 46 3.00 4.86 -13.12
CA ILE B 46 1.99 5.90 -13.00
C ILE B 46 0.88 5.74 -14.04
N LEU B 47 -0.36 5.58 -13.58
CA LEU B 47 -1.53 5.54 -14.46
C LEU B 47 -2.25 6.87 -14.50
N VAL B 48 -2.45 7.41 -15.71
CA VAL B 48 -3.14 8.68 -15.88
C VAL B 48 -4.33 8.54 -16.81
N GLY B 49 -5.52 8.86 -16.30
CA GLY B 49 -6.76 8.80 -17.06
C GLY B 49 -7.32 10.16 -17.37
N ARG B 50 -8.10 10.26 -18.44
CA ARG B 50 -8.68 11.53 -18.90
C ARG B 50 -10.03 11.36 -19.58
N THR B 51 -10.89 12.37 -19.45
CA THR B 51 -12.16 12.42 -20.20
C THR B 51 -12.67 13.84 -20.24
N LYS B 52 -13.40 14.17 -21.30
CA LYS B 52 -14.04 15.50 -21.43
C LYS B 52 -15.56 15.41 -21.39
N ASP B 53 -16.07 14.17 -21.38
CA ASP B 53 -17.51 13.89 -21.33
C ASP B 53 -18.18 14.73 -20.24
N LYS B 54 -19.33 15.35 -20.56
CA LYS B 54 -19.97 16.24 -19.59
C LYS B 54 -20.65 15.46 -18.46
N ARG B 55 -20.83 14.16 -18.65
CA ARG B 55 -21.36 13.31 -17.57
C ARG B 55 -20.24 12.80 -16.65
N ALA B 56 -19.05 13.38 -16.78
CA ALA B 56 -17.83 12.84 -16.16
C ALA B 56 -17.88 12.89 -14.65
N LEU B 57 -18.73 13.78 -14.12
CA LEU B 57 -18.82 13.97 -12.68
C LEU B 57 -20.12 13.44 -12.05
N GLN B 58 -20.94 12.77 -12.84
CA GLN B 58 -22.24 12.31 -12.31
C GLN B 58 -22.05 11.26 -11.23
N ARG B 59 -21.05 10.39 -11.38
CA ARG B 59 -20.86 9.40 -10.32
C ARG B 59 -20.48 10.11 -9.00
N LEU B 60 -19.63 11.12 -9.08
CA LEU B 60 -19.22 11.86 -7.87
C LEU B 60 -20.40 12.70 -7.34
N TYR B 61 -21.03 13.46 -8.23
CA TYR B 61 -22.29 14.14 -7.89
C TYR B 61 -23.22 13.18 -7.15
N GLU B 62 -23.50 12.01 -7.73
CA GLU B 62 -24.32 10.98 -7.08
C GLU B 62 -23.80 10.43 -5.76
N LEU B 63 -22.52 10.10 -5.74
CA LEU B 63 -21.93 9.50 -4.56
C LEU B 63 -21.82 10.50 -3.39
N PHE B 64 -21.53 11.77 -3.71
CA PHE B 64 -21.48 12.80 -2.67
C PHE B 64 -22.86 12.88 -1.99
N ARG B 65 -23.91 12.82 -2.80
CA ARG B 65 -25.30 12.88 -2.31
C ARG B 65 -25.76 11.60 -1.62
N GLY B 66 -25.56 10.47 -2.30
CA GLY B 66 -25.90 9.15 -1.77
C GLY B 66 -25.21 8.78 -0.48
N GLN B 67 -23.91 9.10 -0.38
CA GLN B 67 -23.17 8.79 0.83
C GLN B 67 -23.36 9.85 1.92
N GLN B 68 -23.98 10.96 1.56
CA GLN B 68 -24.27 12.07 2.49
C GLN B 68 -22.97 12.68 3.02
N ILE B 69 -22.10 13.07 2.09
CA ILE B 69 -20.79 13.63 2.45
C ILE B 69 -20.60 15.00 1.81
N LEU B 70 -21.70 15.71 1.60
CA LEU B 70 -21.63 17.01 0.90
C LEU B 70 -20.78 18.01 1.64
N ASP B 71 -20.81 17.97 2.97
CA ASP B 71 -19.98 18.88 3.76
C ASP B 71 -18.46 18.61 3.54
N THR B 72 -18.07 17.35 3.69
CA THR B 72 -16.65 16.97 3.52
C THR B 72 -16.16 17.23 2.07
N ALA B 73 -17.04 16.93 1.12
CA ALA B 73 -16.71 17.12 -0.30
C ALA B 73 -16.46 18.58 -0.63
N ARG B 74 -17.34 19.47 -0.16
CA ARG B 74 -17.13 20.89 -0.41
C ARG B 74 -15.85 21.39 0.26
N MET B 75 -15.60 20.91 1.48
CA MET B 75 -14.42 21.33 2.19
C MET B 75 -13.16 20.86 1.43
N MET B 76 -13.23 19.65 0.88
CA MET B 76 -12.09 19.10 0.14
C MET B 76 -11.88 19.77 -1.22
N LEU B 77 -12.97 20.09 -1.89
CA LEU B 77 -12.85 20.87 -3.14
C LEU B 77 -12.24 22.26 -2.91
N GLU B 78 -12.69 22.94 -1.85
CA GLU B 78 -12.19 24.28 -1.52
C GLU B 78 -10.72 24.23 -1.12
N GLU B 79 -10.35 23.22 -0.35
CA GLU B 79 -8.97 23.03 0.04
C GLU B 79 -8.10 22.79 -1.21
N GLY B 80 -8.68 22.13 -2.21
CA GLY B 80 -7.94 21.77 -3.42
C GLY B 80 -7.99 22.80 -4.53
N TYR B 81 -8.63 23.93 -4.23
CA TYR B 81 -9.01 24.86 -5.28
C TYR B 81 -8.05 26.03 -5.48
N PHE B 82 -7.62 26.22 -6.73
CA PHE B 82 -7.28 27.57 -7.22
C PHE B 82 -7.28 27.82 -8.73
N GLY B 83 -7.94 28.91 -9.14
CA GLY B 83 -7.88 29.38 -10.51
C GLY B 83 -8.79 28.59 -11.41
N GLU B 84 -8.20 27.71 -12.22
CA GLU B 84 -8.98 26.87 -13.15
C GLU B 84 -8.81 25.39 -12.81
N GLU B 85 -8.37 25.13 -11.57
CA GLU B 85 -7.95 23.78 -11.13
C GLU B 85 -8.42 23.41 -9.70
N ILE B 86 -9.14 22.30 -9.59
CA ILE B 86 -9.56 21.77 -8.29
C ILE B 86 -9.03 20.35 -8.17
N ILE B 87 -8.18 20.11 -7.16
CA ILE B 87 -7.55 18.80 -6.97
C ILE B 87 -8.07 18.12 -5.70
N ILE B 88 -8.54 16.89 -5.82
CA ILE B 88 -8.93 16.13 -4.64
C ILE B 88 -8.25 14.79 -4.61
N LYS B 89 -8.04 14.27 -3.40
CA LYS B 89 -7.41 12.97 -3.27
C LYS B 89 -8.34 12.05 -2.55
N VAL B 90 -8.57 10.88 -3.13
CA VAL B 90 -9.53 9.94 -2.60
C VAL B 90 -8.87 8.58 -2.37
N HIS B 91 -9.45 7.83 -1.44
CA HIS B 91 -8.91 6.55 -1.03
C HIS B 91 -9.03 5.51 -2.16
N LYS B 92 -7.91 4.85 -2.50
CA LYS B 92 -7.88 3.97 -3.68
C LYS B 92 -8.71 2.69 -3.47
N GLN B 93 -8.57 2.14 -2.27
CA GLN B 93 -9.24 0.88 -1.91
C GLN B 93 -10.75 1.10 -1.74
N VAL B 94 -11.15 2.26 -1.23
CA VAL B 94 -12.58 2.53 -1.17
C VAL B 94 -13.12 2.79 -2.58
N ALA B 95 -12.32 3.46 -3.42
CA ALA B 95 -12.72 3.71 -4.81
C ALA B 95 -12.94 2.39 -5.53
N TYR B 96 -12.11 1.40 -5.22
CA TYR B 96 -12.21 0.08 -5.81
C TYR B 96 -13.55 -0.59 -5.52
N VAL B 97 -14.13 -0.32 -4.35
CA VAL B 97 -15.45 -0.87 -4.07
C VAL B 97 -16.58 0.01 -4.56
N GLY B 98 -16.25 1.20 -5.07
CA GLY B 98 -17.23 2.06 -5.69
C GLY B 98 -17.63 3.31 -4.92
N LYS B 99 -16.96 3.58 -3.79
CA LYS B 99 -17.30 4.75 -2.97
C LYS B 99 -16.20 5.81 -2.88
N VAL B 100 -16.59 6.96 -2.35
CA VAL B 100 -15.66 8.05 -2.13
C VAL B 100 -15.30 8.08 -0.65
N ASN B 101 -14.00 8.21 -0.38
CA ASN B 101 -13.54 8.43 0.99
C ASN B 101 -12.36 9.37 0.92
N PHE B 102 -12.43 10.49 1.64
CA PHE B 102 -11.42 11.53 1.55
C PHE B 102 -10.32 11.35 2.60
N ASN B 103 -10.29 10.22 3.29
CA ASN B 103 -9.19 9.92 4.22
C ASN B 103 -7.92 9.55 3.45
N GLU B 104 -6.84 10.30 3.69
CA GLU B 104 -5.71 10.25 2.77
C GLU B 104 -4.64 9.22 3.03
N ASP B 105 -4.65 8.62 4.21
CA ASP B 105 -3.79 7.48 4.43
C ASP B 105 -4.42 6.30 3.70
N SER B 106 -4.21 6.32 2.39
CA SER B 106 -4.79 5.37 1.46
C SER B 106 -3.77 4.29 1.18
N PRO B 107 -4.10 3.03 1.55
CA PRO B 107 -3.29 1.91 1.14
C PRO B 107 -2.87 1.95 -0.34
N LEU B 108 -1.54 1.96 -0.50
CA LEU B 108 -0.86 2.01 -1.80
C LEU B 108 -1.14 3.33 -2.53
N GLY B 109 -1.22 4.40 -1.73
CA GLY B 109 -1.38 5.77 -2.23
C GLY B 109 -2.80 6.13 -2.65
N PRO B 110 -3.11 7.43 -2.72
CA PRO B 110 -4.47 7.83 -3.10
C PRO B 110 -4.69 7.80 -4.61
N ILE B 111 -5.93 8.00 -5.02
CA ILE B 111 -6.25 8.40 -6.38
C ILE B 111 -6.46 9.91 -6.34
N THR B 112 -5.71 10.61 -7.19
CA THR B 112 -5.79 12.06 -7.32
C THR B 112 -6.66 12.45 -8.50
N ILE B 113 -7.75 13.17 -8.23
CA ILE B 113 -8.64 13.65 -9.28
C ILE B 113 -8.45 15.14 -9.53
N THR B 114 -8.20 15.52 -10.78
CA THR B 114 -8.09 16.93 -11.14
C THR B 114 -9.25 17.33 -12.02
N ILE B 115 -10.03 18.29 -11.54
CA ILE B 115 -11.07 18.86 -12.36
C ILE B 115 -10.51 20.16 -12.95
N ARG B 116 -10.50 20.27 -14.28
CA ARG B 116 -10.12 21.52 -14.95
C ARG B 116 -11.39 22.24 -15.42
N THR B 117 -11.53 23.51 -15.00
CA THR B 117 -12.77 24.22 -15.22
C THR B 117 -12.52 25.72 -15.23
N LYS B 118 -13.18 26.41 -16.15
CA LYS B 118 -13.08 27.86 -16.25
C LYS B 118 -13.97 28.52 -15.21
N GLU B 119 -15.01 27.80 -14.77
CA GLU B 119 -15.95 28.29 -13.77
C GLU B 119 -15.98 27.43 -12.49
N PRO B 120 -14.90 27.49 -11.68
CA PRO B 120 -14.73 26.65 -10.48
C PRO B 120 -15.69 26.97 -9.33
N GLN B 121 -16.18 28.21 -9.27
CA GLN B 121 -17.11 28.57 -8.21
C GLN B 121 -18.46 27.96 -8.52
N LYS B 122 -18.90 28.15 -9.76
CA LYS B 122 -20.09 27.48 -10.26
C LYS B 122 -19.95 25.96 -10.10
N LEU B 123 -18.77 25.44 -10.46
CA LEU B 123 -18.47 24.00 -10.33
C LEU B 123 -18.71 23.53 -8.90
N MET B 124 -18.01 24.13 -7.95
CA MET B 124 -18.10 23.71 -6.55
C MET B 124 -19.55 23.84 -6.06
N LYS B 125 -20.20 24.95 -6.41
CA LYS B 125 -21.57 25.18 -5.96
C LYS B 125 -22.52 24.11 -6.51
N TRP B 126 -22.29 23.70 -7.75
CA TRP B 126 -23.15 22.67 -8.37
C TRP B 126 -22.85 21.28 -7.80
N LEU B 127 -21.57 20.94 -7.72
CA LEU B 127 -21.16 19.57 -7.38
C LEU B 127 -21.37 19.24 -5.89
N ALA B 128 -21.09 20.24 -5.06
CA ALA B 128 -21.14 20.07 -3.61
C ALA B 128 -21.55 21.41 -3.01
N PRO B 129 -22.85 21.77 -3.15
CA PRO B 129 -23.33 23.03 -2.58
C PRO B 129 -23.05 23.05 -1.09
N ARG B 130 -22.80 24.24 -0.55
CA ARG B 130 -22.68 24.37 0.92
C ARG B 130 -23.98 23.86 1.54
N THR B 131 -23.88 23.33 2.76
CA THR B 131 -24.98 22.64 3.40
C THR B 131 -25.02 22.98 4.89
N LYS B 132 -26.19 22.82 5.46
CA LYS B 132 -26.32 22.83 6.92
C LYS B 132 -27.03 21.53 7.27
N ASP B 133 -26.38 20.69 8.06
CA ASP B 133 -26.92 19.37 8.40
C ASP B 133 -27.37 18.58 7.19
N GLY B 134 -26.60 18.67 6.11
CA GLY B 134 -26.92 17.92 4.89
C GLY B 134 -27.82 18.65 3.93
N VAL B 135 -28.47 19.71 4.41
CA VAL B 135 -29.43 20.45 3.60
C VAL B 135 -28.73 21.54 2.80
N PRO B 136 -28.75 21.45 1.46
CA PRO B 136 -28.11 22.53 0.69
C PRO B 136 -28.63 23.91 1.09
N ILE B 137 -27.73 24.88 1.22
CA ILE B 137 -28.09 26.28 1.51
C ILE B 137 -27.86 27.21 0.32
N GLU B 138 -27.58 26.60 -0.83
CA GLU B 138 -27.42 27.31 -2.12
C GLU B 138 -27.69 26.33 -3.26
#